data_6RUK
#
_entry.id   6RUK
#
_cell.length_a   67.920
_cell.length_b   67.920
_cell.length_c   102.180
_cell.angle_alpha   90.00
_cell.angle_beta   90.00
_cell.angle_gamma   90.00
#
_symmetry.space_group_name_H-M   'P 43 21 2'
#
loop_
_entity.id
_entity.type
_entity.pdbx_description
1 polymer 'Proteinase K'
2 non-polymer 'Cu-substituted alpha-Keggin'
3 non-polymer 'SULFATE ION'
4 water water
#
_entity_poly.entity_id   1
_entity_poly.type   'polypeptide(L)'
_entity_poly.pdbx_seq_one_letter_code
;AAQTNAPWGLARISSTSPGTSTYYYDESAGQGSCVYVIDTGIEASHPEFEGRAQMVKTYYYSSRDGNGHGTHCAGTVGSR
TYGVAKKTQLFGVKVLDDNGSGQYSTIIAGMDFVASDKNNRNCPKGVVASLSLGGGYSSSVNSAAARLQSSGVMVAVAAG
NNNADARNYSPASEPSVCTVGASDRYDRRSSFSNYGSVLDIFGPGTDILSTWIGGSTRSISGTSMATPHVAGLAAYLMTL
GKTTAASACRYIADTANKGDLSNIPFGTVNLLAYNNYQA
;
_entity_poly.pdbx_strand_id   A
#
# COMPACT_ATOMS: atom_id res chain seq x y z
N ALA A 1 16.93 0.67 -13.71
CA ALA A 1 16.06 -0.05 -14.64
C ALA A 1 14.95 0.89 -15.11
N ALA A 2 14.40 0.59 -16.30
CA ALA A 2 13.32 1.37 -16.89
C ALA A 2 12.26 0.42 -17.42
N GLN A 3 11.01 0.71 -17.07
CA GLN A 3 9.85 -0.04 -17.58
C GLN A 3 9.07 0.95 -18.45
N THR A 4 9.09 0.74 -19.77
CA THR A 4 8.33 1.64 -20.63
C THR A 4 6.84 1.33 -20.58
N ASN A 5 6.04 2.33 -20.94
CA ASN A 5 4.57 2.21 -20.95
C ASN A 5 4.05 1.59 -19.67
N ALA A 6 4.51 2.13 -18.57
CA ALA A 6 4.09 1.67 -17.27
C ALA A 6 2.77 2.32 -16.90
N PRO A 7 2.04 1.79 -15.92
CA PRO A 7 0.90 2.51 -15.39
C PRO A 7 1.34 3.87 -14.88
N TRP A 8 0.46 4.86 -15.02
CA TRP A 8 0.85 6.23 -14.74
C TRP A 8 1.36 6.37 -13.32
N GLY A 9 0.79 5.64 -12.36
CA GLY A 9 1.19 5.78 -10.97
C GLY A 9 2.61 5.32 -10.70
N LEU A 10 3.05 4.26 -11.38
CA LEU A 10 4.44 3.84 -11.26
C LEU A 10 5.37 4.90 -11.84
N ALA A 11 5.05 5.42 -13.02
CA ALA A 11 5.86 6.51 -13.57
C ALA A 11 5.86 7.70 -12.64
N ARG A 12 4.72 7.99 -12.02
CA ARG A 12 4.64 9.18 -11.16
C ARG A 12 5.58 9.07 -9.97
N ILE A 13 5.64 7.88 -9.38
CA ILE A 13 6.47 7.72 -8.19
C ILE A 13 7.96 7.76 -8.47
N SER A 14 8.39 7.66 -9.74
CA SER A 14 9.80 7.84 -10.02
C SER A 14 10.06 9.13 -10.78
N SER A 15 9.13 10.09 -10.70
CA SER A 15 9.30 11.31 -11.46
C SER A 15 9.14 12.57 -10.62
N THR A 16 9.88 13.59 -10.99
CA THR A 16 9.66 14.92 -10.42
C THR A 16 8.50 15.65 -11.09
N SER A 17 7.92 15.11 -12.16
CA SER A 17 6.83 15.76 -12.88
C SER A 17 5.74 14.77 -13.27
N PRO A 18 4.49 15.21 -13.33
CA PRO A 18 3.44 14.39 -13.93
C PRO A 18 3.60 14.32 -15.44
N GLY A 19 2.90 13.37 -16.06
CA GLY A 19 2.77 13.34 -17.50
C GLY A 19 3.80 12.51 -18.21
N THR A 20 4.48 11.60 -17.51
CA THR A 20 5.41 10.68 -18.14
C THR A 20 4.91 9.25 -17.93
N SER A 21 5.48 8.31 -18.68
CA SER A 21 4.95 6.95 -18.68
C SER A 21 6.01 5.86 -18.53
N THR A 22 7.22 6.21 -18.14
CA THR A 22 8.25 5.21 -17.89
C THR A 22 8.53 5.19 -16.39
N TYR A 23 8.59 3.99 -15.80
CA TYR A 23 8.92 3.80 -14.39
C TYR A 23 10.40 3.48 -14.30
N TYR A 24 11.13 4.24 -13.48
CA TYR A 24 12.56 4.04 -13.28
C TYR A 24 12.80 3.59 -11.84
N TYR A 25 13.61 2.56 -11.66
CA TYR A 25 13.80 2.01 -10.33
C TYR A 25 15.10 1.21 -10.29
N ASP A 26 15.70 1.11 -9.10
CA ASP A 26 16.87 0.25 -8.95
C ASP A 26 16.46 -1.21 -9.12
N GLU A 27 17.28 -1.97 -9.87
CA GLU A 27 16.93 -3.35 -10.22
C GLU A 27 16.82 -4.29 -9.02
N SER A 28 17.34 -3.91 -7.85
CA SER A 28 17.12 -4.71 -6.64
C SER A 28 15.62 -4.95 -6.40
N ALA A 29 14.78 -3.94 -6.65
CA ALA A 29 13.32 -4.14 -6.81
C ALA A 29 12.66 -4.77 -5.57
N GLY A 30 13.14 -4.43 -4.36
CA GLY A 30 12.53 -5.01 -3.17
C GLY A 30 12.92 -6.45 -2.88
N GLN A 31 13.87 -7.03 -3.58
CA GLN A 31 14.29 -8.38 -3.25
C GLN A 31 14.72 -8.49 -1.79
N GLY A 32 14.31 -9.56 -1.12
CA GLY A 32 14.69 -9.76 0.26
C GLY A 32 13.78 -9.08 1.27
N SER A 33 12.81 -8.29 0.80
CA SER A 33 11.77 -7.71 1.65
C SER A 33 10.50 -8.55 1.55
N CYS A 34 9.55 -8.25 2.42
CA CYS A 34 8.26 -8.92 2.38
C CYS A 34 7.17 -7.90 2.64
N VAL A 35 6.05 -8.04 1.92
CA VAL A 35 4.88 -7.19 2.12
C VAL A 35 3.66 -8.05 2.38
N TYR A 36 3.01 -7.81 3.51
CA TYR A 36 1.73 -8.45 3.80
C TYR A 36 0.61 -7.58 3.28
N VAL A 37 -0.31 -8.19 2.53
CA VAL A 37 -1.48 -7.50 1.99
C VAL A 37 -2.67 -8.02 2.76
N ILE A 38 -3.22 -7.19 3.65
CA ILE A 38 -4.25 -7.59 4.60
C ILE A 38 -5.56 -7.10 3.98
N ASP A 39 -6.34 -8.02 3.42
CA ASP A 39 -7.38 -7.61 2.48
C ASP A 39 -8.33 -8.79 2.18
N THR A 40 -8.85 -8.88 0.95
CA THR A 40 -9.75 -9.96 0.55
C THR A 40 -9.00 -11.22 0.09
N GLY A 41 -7.66 -11.25 0.21
CA GLY A 41 -6.87 -12.35 -0.34
C GLY A 41 -6.05 -11.89 -1.53
N ILE A 42 -5.33 -12.84 -2.11
CA ILE A 42 -4.51 -12.62 -3.31
C ILE A 42 -4.67 -13.86 -4.17
N GLU A 43 -4.95 -13.67 -5.47
CA GLU A 43 -4.91 -14.76 -6.44
C GLU A 43 -3.46 -15.06 -6.78
N ALA A 44 -2.82 -15.87 -5.93
CA ALA A 44 -1.38 -16.09 -6.03
C ALA A 44 -0.97 -16.74 -7.34
N SER A 45 -1.88 -17.48 -7.98
CA SER A 45 -1.55 -18.14 -9.24
C SER A 45 -1.48 -17.18 -10.39
N HIS A 46 -1.84 -15.90 -10.22
CA HIS A 46 -1.80 -14.98 -11.36
C HIS A 46 -0.38 -14.96 -11.92
N PRO A 47 -0.21 -15.09 -13.24
CA PRO A 47 1.15 -15.04 -13.81
C PRO A 47 1.95 -13.81 -13.40
N GLU A 48 1.26 -12.70 -13.16
CA GLU A 48 1.94 -11.47 -12.76
C GLU A 48 2.71 -11.57 -11.45
N PHE A 49 2.39 -12.54 -10.60
CA PHE A 49 3.09 -12.67 -9.32
C PHE A 49 4.30 -13.58 -9.38
N GLU A 50 4.42 -14.42 -10.43
CA GLU A 50 5.66 -15.15 -10.70
C GLU A 50 6.07 -16.10 -9.57
N GLY A 51 5.12 -16.60 -8.79
CA GLY A 51 5.47 -17.46 -7.69
C GLY A 51 5.90 -16.74 -6.43
N ARG A 52 5.91 -15.40 -6.43
CA ARG A 52 6.33 -14.61 -5.28
C ARG A 52 5.20 -14.29 -4.31
N ALA A 53 3.96 -14.66 -4.61
CA ALA A 53 2.85 -14.42 -3.71
C ALA A 53 2.37 -15.73 -3.10
N GLN A 54 1.88 -15.66 -1.87
CA GLN A 54 1.25 -16.80 -1.25
C GLN A 54 0.28 -16.31 -0.20
N MET A 55 -0.81 -17.06 -0.04
CA MET A 55 -1.71 -16.85 1.09
C MET A 55 -1.13 -17.50 2.33
N VAL A 56 -1.14 -16.78 3.45
CA VAL A 56 -0.65 -17.33 4.72
C VAL A 56 -1.73 -17.42 5.78
N LYS A 57 -2.87 -16.76 5.63
CA LYS A 57 -3.90 -16.81 6.65
C LYS A 57 -5.24 -16.39 6.05
N THR A 58 -6.31 -17.05 6.50
CA THR A 58 -7.66 -16.59 6.23
C THR A 58 -8.49 -16.78 7.49
N TYR A 59 -9.56 -15.99 7.60
CA TYR A 59 -10.54 -16.12 8.67
C TYR A 59 -11.87 -16.62 8.15
N TYR A 60 -11.91 -17.07 6.90
CA TYR A 60 -13.13 -17.47 6.22
C TYR A 60 -12.96 -18.90 5.69
N TYR A 61 -14.03 -19.40 5.07
CA TYR A 61 -14.00 -20.78 4.59
C TYR A 61 -12.93 -21.06 3.55
N SER A 62 -12.44 -20.02 2.85
CA SER A 62 -11.41 -20.17 1.83
C SER A 62 -10.41 -19.03 1.98
N SER A 63 -9.20 -19.26 1.49
CA SER A 63 -8.18 -18.23 1.34
CA SER A 63 -8.21 -18.21 1.35
C SER A 63 -8.25 -17.54 -0.02
N ARG A 64 -9.10 -18.03 -0.93
CA ARG A 64 -9.19 -17.46 -2.25
C ARG A 64 -9.72 -16.02 -2.20
N ASP A 65 -9.17 -15.18 -3.09
CA ASP A 65 -9.75 -13.85 -3.31
C ASP A 65 -10.92 -14.01 -4.26
N GLY A 66 -12.14 -14.03 -3.73
CA GLY A 66 -13.31 -14.05 -4.57
C GLY A 66 -13.84 -12.67 -4.90
N ASN A 67 -13.11 -11.61 -4.55
CA ASN A 67 -13.53 -10.25 -4.82
C ASN A 67 -12.69 -9.59 -5.92
N GLY A 68 -11.37 -9.58 -5.76
CA GLY A 68 -10.47 -8.90 -6.66
C GLY A 68 -9.69 -7.80 -5.99
N HIS A 69 -10.29 -7.14 -4.99
CA HIS A 69 -9.67 -5.97 -4.36
C HIS A 69 -8.27 -6.29 -3.84
N GLY A 70 -8.13 -7.39 -3.10
CA GLY A 70 -6.82 -7.73 -2.54
C GLY A 70 -5.80 -8.06 -3.60
N THR A 71 -6.24 -8.73 -4.67
CA THR A 71 -5.37 -9.05 -5.78
C THR A 71 -4.89 -7.79 -6.48
N HIS A 72 -5.77 -6.79 -6.63
CA HIS A 72 -5.38 -5.53 -7.25
C HIS A 72 -4.34 -4.80 -6.40
N CYS A 73 -4.59 -4.71 -5.09
CA CYS A 73 -3.64 -4.04 -4.21
C CYS A 73 -2.30 -4.78 -4.21
N ALA A 74 -2.33 -6.12 -4.11
CA ALA A 74 -1.08 -6.88 -4.17
C ALA A 74 -0.33 -6.62 -5.47
N GLY A 75 -1.07 -6.48 -6.57
CA GLY A 75 -0.42 -6.20 -7.84
C GLY A 75 0.32 -4.87 -7.85
N THR A 76 -0.26 -3.85 -7.21
CA THR A 76 0.41 -2.56 -7.15
C THR A 76 1.65 -2.62 -6.26
N VAL A 77 1.60 -3.44 -5.20
CA VAL A 77 2.81 -3.62 -4.39
C VAL A 77 3.92 -4.25 -5.22
N GLY A 78 3.62 -5.40 -5.85
CA GLY A 78 4.67 -6.29 -6.26
C GLY A 78 4.48 -7.11 -7.52
N SER A 79 3.45 -6.88 -8.35
CA SER A 79 3.40 -7.63 -9.60
C SER A 79 4.51 -7.20 -10.55
N ARG A 80 4.82 -8.10 -11.50
CA ARG A 80 5.90 -7.81 -12.44
C ARG A 80 5.63 -6.55 -13.29
N THR A 81 4.40 -6.40 -13.80
CA THR A 81 4.08 -5.27 -14.68
C THR A 81 3.53 -4.09 -13.89
N TYR A 82 2.67 -4.36 -12.90
CA TYR A 82 1.91 -3.29 -12.26
C TYR A 82 2.47 -2.87 -10.92
N GLY A 83 3.56 -3.50 -10.46
CA GLY A 83 4.04 -3.30 -9.11
C GLY A 83 5.22 -2.36 -8.96
N VAL A 84 5.27 -1.75 -7.78
CA VAL A 84 6.38 -0.89 -7.38
C VAL A 84 7.65 -1.69 -7.10
N ALA A 85 7.52 -2.78 -6.32
CA ALA A 85 8.64 -3.59 -5.82
C ALA A 85 8.54 -4.97 -6.45
N LYS A 86 9.10 -5.09 -7.66
CA LYS A 86 8.83 -6.20 -8.55
C LYS A 86 9.49 -7.51 -8.13
N LYS A 87 10.31 -7.50 -7.08
CA LYS A 87 10.94 -8.73 -6.58
C LYS A 87 10.63 -8.99 -5.11
N THR A 88 9.70 -8.26 -4.51
CA THR A 88 9.34 -8.52 -3.13
C THR A 88 8.55 -9.82 -3.01
N GLN A 89 8.53 -10.36 -1.80
CA GLN A 89 7.67 -11.49 -1.45
C GLN A 89 6.35 -10.94 -0.92
N LEU A 90 5.24 -11.49 -1.40
CA LEU A 90 3.90 -11.01 -1.04
C LEU A 90 3.22 -12.08 -0.20
N PHE A 91 2.66 -11.68 0.92
CA PHE A 91 1.93 -12.59 1.79
C PHE A 91 0.51 -12.09 1.97
N GLY A 92 -0.48 -12.94 1.68
CA GLY A 92 -1.86 -12.53 1.79
C GLY A 92 -2.48 -12.96 3.11
N VAL A 93 -3.23 -12.05 3.74
CA VAL A 93 -3.97 -12.29 4.97
C VAL A 93 -5.41 -11.86 4.68
N LYS A 94 -6.33 -12.84 4.61
CA LYS A 94 -7.70 -12.57 4.19
C LYS A 94 -8.53 -12.26 5.43
N VAL A 95 -8.64 -10.96 5.73
CA VAL A 95 -9.51 -10.46 6.78
C VAL A 95 -10.84 -9.96 6.26
N LEU A 96 -10.98 -9.78 4.96
CA LEU A 96 -12.22 -9.31 4.35
C LEU A 96 -12.83 -10.45 3.54
N ASP A 97 -14.16 -10.54 3.61
CA ASP A 97 -14.89 -11.55 2.85
C ASP A 97 -14.93 -11.17 1.37
N ASP A 98 -15.61 -12.00 0.57
CA ASP A 98 -15.62 -11.76 -0.86
C ASP A 98 -16.52 -10.60 -1.28
N ASN A 99 -17.28 -10.03 -0.36
CA ASN A 99 -17.95 -8.76 -0.62
C ASN A 99 -17.13 -7.56 -0.18
N GLY A 100 -15.91 -7.77 0.30
CA GLY A 100 -15.07 -6.69 0.76
C GLY A 100 -15.33 -6.23 2.17
N SER A 101 -16.11 -6.99 2.96
CA SER A 101 -16.50 -6.58 4.30
C SER A 101 -15.76 -7.42 5.35
N GLY A 102 -15.59 -6.87 6.54
CA GLY A 102 -15.00 -7.66 7.61
C GLY A 102 -15.24 -6.99 8.94
N GLN A 103 -15.40 -7.81 9.97
CA GLN A 103 -15.59 -7.26 11.30
C GLN A 103 -14.27 -6.75 11.85
N TYR A 104 -14.35 -5.71 12.69
CA TYR A 104 -13.14 -5.15 13.26
C TYR A 104 -12.39 -6.19 14.08
N SER A 105 -13.09 -7.10 14.76
CA SER A 105 -12.37 -8.09 15.55
C SER A 105 -11.50 -8.98 14.65
N THR A 106 -11.99 -9.28 13.45
CA THR A 106 -11.18 -10.09 12.54
C THR A 106 -9.99 -9.29 12.01
N ILE A 107 -10.23 -8.03 11.67
CA ILE A 107 -9.15 -7.17 11.18
C ILE A 107 -8.05 -7.02 12.24
N ILE A 108 -8.43 -6.83 13.52
CA ILE A 108 -7.46 -6.76 14.60
C ILE A 108 -6.68 -8.06 14.71
N ALA A 109 -7.37 -9.19 14.65
CA ALA A 109 -6.68 -10.47 14.70
C ALA A 109 -5.69 -10.60 13.55
N GLY A 110 -6.06 -10.14 12.36
CA GLY A 110 -5.12 -10.21 11.25
C GLY A 110 -3.87 -9.37 11.43
N MET A 111 -4.00 -8.19 12.05
CA MET A 111 -2.83 -7.36 12.31
C MET A 111 -1.92 -8.02 13.33
N ASP A 112 -2.51 -8.52 14.43
CA ASP A 112 -1.67 -9.23 15.40
C ASP A 112 -1.03 -10.47 14.80
N PHE A 113 -1.73 -11.13 13.86
CA PHE A 113 -1.17 -12.26 13.17
C PHE A 113 0.10 -11.88 12.43
N VAL A 114 0.06 -10.78 11.67
CA VAL A 114 1.25 -10.36 10.93
C VAL A 114 2.41 -10.05 11.86
N ALA A 115 2.13 -9.39 12.99
CA ALA A 115 3.21 -9.03 13.90
C ALA A 115 3.97 -10.27 14.36
N SER A 116 3.26 -11.38 14.57
CA SER A 116 3.93 -12.63 14.92
C SER A 116 4.45 -13.40 13.71
N ASP A 117 3.62 -13.49 12.66
CA ASP A 117 3.94 -14.35 11.52
C ASP A 117 5.22 -13.92 10.81
N LYS A 118 5.59 -12.64 10.88
CA LYS A 118 6.84 -12.25 10.23
C LYS A 118 8.03 -13.04 10.79
N ASN A 119 7.94 -13.54 12.03
CA ASN A 119 8.99 -14.36 12.61
C ASN A 119 9.05 -15.76 12.01
N ASN A 120 8.08 -16.11 11.18
CA ASN A 120 8.08 -17.37 10.44
C ASN A 120 8.51 -17.20 9.00
N ARG A 121 8.92 -16.00 8.59
CA ARG A 121 9.24 -15.71 7.20
C ARG A 121 10.66 -15.17 7.09
N ASN A 122 11.21 -15.28 5.89
CA ASN A 122 12.56 -14.78 5.62
C ASN A 122 12.47 -13.43 4.90
N CYS A 123 12.76 -12.36 5.64
CA CYS A 123 12.57 -11.00 5.18
C CYS A 123 13.77 -10.21 5.66
N PRO A 124 14.99 -10.55 5.20
CA PRO A 124 16.18 -9.91 5.75
C PRO A 124 16.24 -8.40 5.53
N LYS A 125 15.58 -7.90 4.50
CA LYS A 125 15.59 -6.46 4.25
C LYS A 125 14.45 -5.73 4.94
N GLY A 126 13.49 -6.43 5.51
CA GLY A 126 12.44 -5.77 6.27
C GLY A 126 11.04 -6.19 5.81
N VAL A 127 10.06 -5.77 6.62
CA VAL A 127 8.69 -6.20 6.52
C VAL A 127 7.78 -4.99 6.46
N VAL A 128 6.79 -5.06 5.56
CA VAL A 128 5.78 -4.03 5.35
C VAL A 128 4.40 -4.67 5.43
N ALA A 129 3.39 -3.91 5.86
CA ALA A 129 2.01 -4.35 5.77
C ALA A 129 1.19 -3.26 5.11
N SER A 130 0.35 -3.66 4.17
CA SER A 130 -0.50 -2.73 3.43
C SER A 130 -1.95 -3.00 3.80
N LEU A 131 -2.64 -1.98 4.33
CA LEU A 131 -4.01 -2.08 4.81
C LEU A 131 -4.92 -1.13 4.04
N SER A 132 -5.47 -1.63 2.93
CA SER A 132 -6.40 -0.87 2.10
C SER A 132 -7.83 -1.13 2.57
N LEU A 133 -8.11 -0.67 3.79
CA LEU A 133 -9.39 -0.96 4.44
C LEU A 133 -9.56 0.04 5.56
N GLY A 134 -10.77 0.10 6.08
CA GLY A 134 -11.03 0.97 7.21
C GLY A 134 -12.52 1.13 7.44
N GLY A 135 -12.84 1.73 8.58
CA GLY A 135 -14.20 2.11 8.91
C GLY A 135 -14.16 3.26 9.89
N GLY A 136 -15.23 3.40 10.67
CA GLY A 136 -15.29 4.48 11.64
C GLY A 136 -14.25 4.35 12.75
N TYR A 137 -14.04 5.44 13.49
CA TYR A 137 -13.00 5.46 14.51
C TYR A 137 -13.20 4.34 15.52
N SER A 138 -12.11 3.63 15.82
CA SER A 138 -12.07 2.62 16.86
C SER A 138 -10.70 2.67 17.51
N SER A 139 -10.69 2.91 18.81
CA SER A 139 -9.40 2.90 19.50
C SER A 139 -8.74 1.52 19.45
N SER A 140 -9.53 0.45 19.49
CA SER A 140 -8.94 -0.90 19.44
C SER A 140 -8.32 -1.20 18.09
N VAL A 141 -8.95 -0.75 17.00
CA VAL A 141 -8.34 -0.93 15.69
C VAL A 141 -7.06 -0.12 15.57
N ASN A 142 -7.08 1.13 16.04
CA ASN A 142 -5.86 1.95 15.99
C ASN A 142 -4.74 1.34 16.82
N SER A 143 -5.06 0.81 18.00
CA SER A 143 -4.06 0.18 18.85
C SER A 143 -3.44 -1.02 18.16
N ALA A 144 -4.24 -1.84 17.49
CA ALA A 144 -3.73 -2.98 16.74
C ALA A 144 -2.74 -2.55 15.67
N ALA A 145 -3.07 -1.47 14.95
CA ALA A 145 -2.15 -0.97 13.93
C ALA A 145 -0.88 -0.44 14.57
N ALA A 146 -1.01 0.21 15.73
CA ALA A 146 0.16 0.69 16.45
C ALA A 146 1.03 -0.46 16.92
N ARG A 147 0.43 -1.54 17.42
CA ARG A 147 1.24 -2.70 17.83
C ARG A 147 1.98 -3.27 16.63
N LEU A 148 1.30 -3.40 15.50
CA LEU A 148 1.95 -4.00 14.35
C LEU A 148 3.16 -3.17 13.93
N GLN A 149 3.00 -1.85 13.91
CA GLN A 149 4.11 -0.95 13.61
C GLN A 149 5.23 -1.11 14.64
N SER A 150 4.87 -1.09 15.93
CA SER A 150 5.86 -1.22 16.99
C SER A 150 6.67 -2.51 16.88
N SER A 151 6.03 -3.59 16.40
CA SER A 151 6.68 -4.89 16.29
C SER A 151 7.78 -4.90 15.24
N GLY A 152 7.90 -3.85 14.43
CA GLY A 152 8.92 -3.80 13.39
C GLY A 152 8.40 -4.00 11.97
N VAL A 153 7.17 -3.57 11.72
CA VAL A 153 6.57 -3.65 10.39
C VAL A 153 6.23 -2.24 9.95
N MET A 154 6.58 -1.88 8.72
CA MET A 154 6.15 -0.60 8.18
C MET A 154 4.68 -0.73 7.80
N VAL A 155 3.80 -0.05 8.56
CA VAL A 155 2.36 -0.14 8.32
C VAL A 155 1.89 1.04 7.49
N ALA A 156 1.33 0.74 6.32
CA ALA A 156 0.73 1.73 5.44
C ALA A 156 -0.77 1.48 5.40
N VAL A 157 -1.59 2.52 5.65
CA VAL A 157 -3.03 2.37 5.72
C VAL A 157 -3.70 3.42 4.82
N ALA A 158 -4.84 3.06 4.24
CA ALA A 158 -5.61 3.97 3.42
C ALA A 158 -6.25 5.07 4.26
N ALA A 159 -6.26 6.30 3.72
CA ALA A 159 -6.89 7.41 4.44
C ALA A 159 -8.42 7.27 4.46
N GLY A 160 -8.99 6.61 3.45
CA GLY A 160 -10.43 6.50 3.25
C GLY A 160 -10.93 7.40 2.13
N ASN A 161 -12.17 7.11 1.71
CA ASN A 161 -12.73 7.62 0.47
C ASN A 161 -13.97 8.45 0.70
N ASN A 162 -14.03 9.20 1.80
CA ASN A 162 -15.20 9.96 2.20
C ASN A 162 -15.07 11.46 1.88
N ASN A 163 -13.99 11.89 1.24
CA ASN A 163 -13.71 13.32 1.08
C ASN A 163 -13.96 14.04 2.42
N ALA A 164 -13.35 13.52 3.48
CA ALA A 164 -13.56 14.03 4.82
C ALA A 164 -12.25 13.94 5.61
N ASP A 165 -12.25 14.48 6.80
CA ASP A 165 -11.07 14.41 7.66
C ASP A 165 -10.88 12.98 8.15
N ALA A 166 -9.71 12.42 7.87
CA ALA A 166 -9.40 11.04 8.24
C ALA A 166 -9.31 10.82 9.75
N ARG A 167 -9.33 11.89 10.57
CA ARG A 167 -9.29 11.70 12.03
C ARG A 167 -10.46 10.85 12.53
N ASN A 168 -11.54 10.74 11.74
CA ASN A 168 -12.73 10.01 12.16
C ASN A 168 -12.81 8.60 11.63
N TYR A 169 -11.70 8.06 11.13
CA TYR A 169 -11.69 6.72 10.54
C TYR A 169 -10.51 5.93 11.10
N SER A 170 -10.64 4.59 11.09
CA SER A 170 -9.58 3.74 11.61
C SER A 170 -9.31 2.60 10.63
N PRO A 171 -8.04 2.18 10.48
CA PRO A 171 -6.86 2.64 11.20
C PRO A 171 -6.23 3.96 10.67
N ALA A 172 -6.90 4.64 9.72
CA ALA A 172 -6.35 5.88 9.18
C ALA A 172 -5.90 6.85 10.24
N SER A 173 -6.65 6.98 11.33
CA SER A 173 -6.38 8.01 12.33
C SER A 173 -5.31 7.63 13.33
N GLU A 174 -4.70 6.45 13.23
CA GLU A 174 -3.64 6.09 14.17
C GLU A 174 -2.38 6.90 13.87
N PRO A 175 -1.84 7.68 14.82
CA PRO A 175 -0.71 8.56 14.48
C PRO A 175 0.56 7.81 14.08
N SER A 176 0.81 6.63 14.61
CA SER A 176 2.13 6.01 14.45
C SER A 176 2.28 5.21 13.17
N VAL A 177 1.23 5.04 12.38
CA VAL A 177 1.32 4.35 11.10
C VAL A 177 1.32 5.37 9.97
N CYS A 178 1.52 4.91 8.74
CA CYS A 178 1.65 5.80 7.60
C CYS A 178 0.29 5.87 6.89
N THR A 179 -0.38 7.01 7.00
CA THR A 179 -1.72 7.16 6.45
C THR A 179 -1.64 7.82 5.06
N VAL A 180 -2.23 7.17 4.06
CA VAL A 180 -1.99 7.47 2.65
C VAL A 180 -3.25 8.01 1.99
N GLY A 181 -3.15 9.27 1.47
CA GLY A 181 -4.20 9.82 0.63
C GLY A 181 -3.94 9.53 -0.85
N ALA A 182 -4.92 9.87 -1.70
CA ALA A 182 -4.86 9.53 -3.12
C ALA A 182 -4.79 10.78 -3.99
N SER A 183 -4.01 10.69 -5.07
CA SER A 183 -3.93 11.72 -6.11
C SER A 183 -4.25 11.12 -7.48
N ASP A 184 -4.44 12.01 -8.46
CA ASP A 184 -4.72 11.62 -9.83
C ASP A 184 -3.56 11.99 -10.74
N ARG A 185 -3.70 11.64 -12.03
CA ARG A 185 -2.57 11.72 -12.95
C ARG A 185 -2.18 13.16 -13.28
N TYR A 186 -3.03 14.14 -12.95
CA TYR A 186 -2.76 15.55 -13.13
C TYR A 186 -2.33 16.21 -11.83
N ASP A 187 -1.92 15.42 -10.84
CA ASP A 187 -1.44 15.93 -9.55
C ASP A 187 -2.52 16.68 -8.80
N ARG A 188 -3.77 16.27 -8.95
CA ARG A 188 -4.84 16.79 -8.11
C ARG A 188 -5.14 15.76 -7.01
N ARG A 189 -5.52 16.25 -5.81
CA ARG A 189 -6.10 15.35 -4.83
C ARG A 189 -7.26 14.61 -5.47
N SER A 190 -7.31 13.30 -5.28
CA SER A 190 -8.44 12.56 -5.82
C SER A 190 -9.71 13.03 -5.16
N SER A 191 -10.79 13.07 -5.95
CA SER A 191 -12.02 13.72 -5.50
C SER A 191 -12.59 13.09 -4.24
N PHE A 192 -12.38 11.79 -4.05
CA PHE A 192 -12.89 11.03 -2.91
C PHE A 192 -11.89 10.99 -1.74
N SER A 193 -10.65 11.45 -1.91
CA SER A 193 -9.66 11.16 -0.87
C SER A 193 -9.96 11.89 0.41
N ASN A 194 -9.90 11.17 1.53
CA ASN A 194 -9.84 11.86 2.80
C ASN A 194 -8.57 12.71 2.91
N TYR A 195 -8.58 13.59 3.91
CA TYR A 195 -7.51 14.58 4.12
C TYR A 195 -7.34 14.78 5.62
N GLY A 196 -6.56 15.78 6.01
CA GLY A 196 -6.42 16.10 7.42
C GLY A 196 -4.98 15.96 7.90
N SER A 197 -4.76 16.44 9.12
CA SER A 197 -3.43 16.42 9.72
C SER A 197 -2.88 15.00 9.91
N VAL A 198 -3.74 13.99 10.01
CA VAL A 198 -3.26 12.63 10.23
C VAL A 198 -2.67 12.00 8.97
N LEU A 199 -2.91 12.56 7.79
CA LEU A 199 -2.25 12.03 6.60
C LEU A 199 -0.76 12.27 6.67
N ASP A 200 0.00 11.29 6.18
CA ASP A 200 1.45 11.41 6.09
C ASP A 200 1.95 11.64 4.68
N ILE A 201 1.20 11.22 3.66
CA ILE A 201 1.71 11.14 2.30
C ILE A 201 0.54 10.90 1.37
N PHE A 202 0.71 11.28 0.11
CA PHE A 202 -0.19 10.91 -0.97
C PHE A 202 0.51 9.94 -1.92
N GLY A 203 -0.30 9.07 -2.52
CA GLY A 203 0.16 8.24 -3.61
C GLY A 203 -0.88 8.20 -4.71
N PRO A 204 -0.50 7.70 -5.89
CA PRO A 204 -1.46 7.57 -7.02
C PRO A 204 -2.67 6.71 -6.65
N GLY A 205 -3.89 7.26 -6.83
CA GLY A 205 -5.08 6.49 -6.47
C GLY A 205 -6.24 6.57 -7.42
N THR A 206 -6.19 7.41 -8.45
CA THR A 206 -7.27 7.49 -9.42
C THR A 206 -6.85 6.79 -10.70
N ASP A 207 -7.68 5.84 -11.15
CA ASP A 207 -7.48 5.12 -12.42
C ASP A 207 -6.16 4.34 -12.44
N ILE A 208 -6.05 3.38 -11.51
CA ILE A 208 -4.85 2.60 -11.29
C ILE A 208 -5.04 1.20 -11.87
N LEU A 209 -4.24 0.88 -12.90
CA LEU A 209 -4.27 -0.44 -13.53
C LEU A 209 -3.44 -1.42 -12.70
N SER A 210 -4.02 -2.58 -12.41
CA SER A 210 -3.33 -3.64 -11.70
C SER A 210 -4.01 -4.97 -12.01
N THR A 211 -3.51 -6.02 -11.33
CA THR A 211 -4.05 -7.37 -11.45
C THR A 211 -5.45 -7.48 -10.90
N TRP A 212 -6.18 -8.48 -11.43
CA TRP A 212 -7.50 -8.82 -10.94
C TRP A 212 -7.66 -10.33 -10.97
N ILE A 213 -8.71 -10.81 -10.31
CA ILE A 213 -8.94 -12.24 -10.27
C ILE A 213 -9.32 -12.78 -11.65
N GLY A 214 -9.23 -14.11 -11.79
CA GLY A 214 -9.38 -14.75 -13.09
C GLY A 214 -8.21 -14.46 -14.01
N GLY A 215 -7.03 -14.17 -13.45
CA GLY A 215 -5.89 -13.93 -14.31
C GLY A 215 -6.00 -12.68 -15.16
N SER A 216 -6.72 -11.67 -14.70
CA SER A 216 -7.08 -10.53 -15.52
C SER A 216 -6.41 -9.26 -14.98
N THR A 217 -6.81 -8.11 -15.54
CA THR A 217 -6.37 -6.81 -15.06
C THR A 217 -7.52 -5.84 -15.16
N ARG A 218 -7.49 -4.79 -14.34
CA ARG A 218 -8.44 -3.69 -14.51
C ARG A 218 -7.92 -2.45 -13.81
N SER A 219 -8.52 -1.32 -14.17
CA SER A 219 -8.21 -0.03 -13.56
C SER A 219 -9.36 0.37 -12.64
N ILE A 220 -9.03 0.66 -11.37
CA ILE A 220 -9.98 1.12 -10.37
C ILE A 220 -9.34 2.26 -9.58
N SER A 221 -10.14 2.88 -8.72
CA SER A 221 -9.73 4.07 -7.98
C SER A 221 -10.02 3.94 -6.49
N GLY A 222 -9.18 4.55 -5.68
CA GLY A 222 -9.42 4.63 -4.25
C GLY A 222 -8.16 4.92 -3.49
N THR A 223 -8.32 5.34 -2.22
CA THR A 223 -7.13 5.35 -1.37
C THR A 223 -6.60 3.95 -1.15
N SER A 224 -7.43 2.93 -1.39
CA SER A 224 -6.95 1.55 -1.42
C SER A 224 -5.88 1.32 -2.46
N MET A 225 -5.87 2.09 -3.55
CA MET A 225 -4.88 1.93 -4.60
C MET A 225 -3.64 2.75 -4.32
N ALA A 226 -3.78 3.86 -3.58
CA ALA A 226 -2.62 4.67 -3.23
C ALA A 226 -1.76 3.98 -2.20
N THR A 227 -2.40 3.33 -1.23
CA THR A 227 -1.71 2.67 -0.12
C THR A 227 -0.66 1.67 -0.58
N PRO A 228 -0.96 0.74 -1.50
CA PRO A 228 0.07 -0.21 -1.93
C PRO A 228 1.22 0.44 -2.73
N HIS A 229 1.01 1.60 -3.34
CA HIS A 229 2.16 2.30 -3.92
C HIS A 229 3.16 2.63 -2.82
N VAL A 230 2.67 3.14 -1.69
CA VAL A 230 3.54 3.51 -0.59
C VAL A 230 4.13 2.29 0.08
N ALA A 231 3.34 1.23 0.26
CA ALA A 231 3.87 -0.01 0.84
C ALA A 231 4.97 -0.60 -0.04
N GLY A 232 4.74 -0.66 -1.36
CA GLY A 232 5.79 -1.16 -2.23
C GLY A 232 7.00 -0.25 -2.24
N LEU A 233 6.78 1.07 -2.16
CA LEU A 233 7.91 1.97 -2.11
C LEU A 233 8.74 1.74 -0.85
N ALA A 234 8.09 1.57 0.30
CA ALA A 234 8.81 1.28 1.54
C ALA A 234 9.66 0.01 1.38
N ALA A 235 9.08 -1.05 0.81
CA ALA A 235 9.83 -2.30 0.65
C ALA A 235 11.04 -2.08 -0.23
N TYR A 236 10.85 -1.35 -1.33
CA TYR A 236 11.93 -1.02 -2.25
C TYR A 236 13.06 -0.26 -1.55
N LEU A 237 12.69 0.75 -0.75
CA LEU A 237 13.69 1.57 -0.06
C LEU A 237 14.40 0.81 1.06
N MET A 238 13.69 -0.10 1.73
CA MET A 238 14.29 -0.96 2.73
C MET A 238 15.30 -1.92 2.10
N THR A 239 14.97 -2.50 0.95
CA THR A 239 15.95 -3.35 0.27
C THR A 239 17.20 -2.55 -0.11
N LEU A 240 17.05 -1.29 -0.49
CA LEU A 240 18.21 -0.46 -0.80
C LEU A 240 19.00 -0.07 0.45
N GLY A 241 18.47 -0.32 1.64
CA GLY A 241 19.17 0.07 2.85
C GLY A 241 18.99 1.52 3.23
N LYS A 242 18.08 2.24 2.56
CA LYS A 242 17.92 3.66 2.79
C LYS A 242 17.13 3.99 4.04
N THR A 243 16.32 3.05 4.54
CA THR A 243 15.47 3.31 5.69
C THR A 243 15.11 1.97 6.32
N THR A 244 14.28 2.01 7.36
CA THR A 244 13.93 0.84 8.14
C THR A 244 12.42 0.88 8.34
N ALA A 245 11.85 -0.20 8.90
CA ALA A 245 10.40 -0.21 9.09
C ALA A 245 9.94 0.90 10.02
N ALA A 246 10.72 1.21 11.05
CA ALA A 246 10.31 2.22 12.00
C ALA A 246 10.38 3.62 11.44
N SER A 247 11.24 3.83 10.45
CA SER A 247 11.55 5.17 9.97
C SER A 247 11.06 5.44 8.55
N ALA A 248 10.47 4.43 7.87
CA ALA A 248 10.24 4.56 6.44
C ALA A 248 9.16 5.58 6.12
N CYS A 249 8.11 5.69 6.93
CA CYS A 249 7.08 6.70 6.65
C CYS A 249 7.68 8.10 6.69
N ARG A 250 8.49 8.38 7.71
CA ARG A 250 9.18 9.66 7.83
C ARG A 250 10.13 9.89 6.67
N TYR A 251 10.87 8.84 6.27
CA TYR A 251 11.80 8.95 5.15
C TYR A 251 11.06 9.25 3.86
N ILE A 252 9.93 8.56 3.63
CA ILE A 252 9.14 8.81 2.43
C ILE A 252 8.64 10.25 2.44
N ALA A 253 8.17 10.75 3.58
CA ALA A 253 7.73 12.14 3.64
C ALA A 253 8.91 13.09 3.42
N ASP A 254 10.08 12.79 4.00
CA ASP A 254 11.27 13.65 3.86
C ASP A 254 11.68 13.78 2.40
N THR A 255 11.54 12.71 1.63
CA THR A 255 12.08 12.62 0.27
C THR A 255 10.97 12.79 -0.79
N ALA A 256 9.75 13.12 -0.36
CA ALA A 256 8.62 13.23 -1.26
C ALA A 256 8.77 14.42 -2.19
N ASN A 257 8.04 14.38 -3.30
CA ASN A 257 7.79 15.62 -4.04
C ASN A 257 6.87 16.53 -3.22
N LYS A 258 7.31 17.78 -3.02
CA LYS A 258 6.62 18.71 -2.12
C LYS A 258 5.92 19.82 -2.89
N GLY A 259 4.67 20.09 -2.53
CA GLY A 259 3.99 21.24 -3.08
C GLY A 259 3.47 21.05 -4.48
N ASP A 260 3.43 19.82 -4.99
CA ASP A 260 3.05 19.60 -6.38
C ASP A 260 1.57 19.28 -6.57
N LEU A 261 0.83 18.99 -5.50
CA LEU A 261 -0.58 18.62 -5.61
C LEU A 261 -1.50 19.83 -5.46
N SER A 262 -2.59 19.81 -6.22
CA SER A 262 -3.64 20.79 -6.08
C SER A 262 -4.82 20.25 -5.27
N ASN A 263 -5.65 21.16 -4.78
CA ASN A 263 -6.82 20.90 -3.94
C ASN A 263 -6.46 20.15 -2.67
N ILE A 264 -5.34 20.53 -2.08
CA ILE A 264 -4.93 20.02 -0.77
C ILE A 264 -5.45 20.99 0.28
N PRO A 265 -6.34 20.59 1.19
CA PRO A 265 -6.86 21.53 2.18
C PRO A 265 -5.77 22.06 3.08
N PHE A 266 -5.91 23.33 3.48
CA PHE A 266 -5.01 23.92 4.42
C PHE A 266 -4.87 23.02 5.64
N GLY A 267 -3.64 22.71 6.03
CA GLY A 267 -3.40 21.83 7.16
C GLY A 267 -3.14 20.38 6.82
N THR A 268 -3.31 19.97 5.57
CA THR A 268 -2.96 18.63 5.10
C THR A 268 -1.62 18.71 4.37
N VAL A 269 -0.77 17.71 4.56
CA VAL A 269 0.54 17.70 3.89
C VAL A 269 0.36 17.70 2.38
N ASN A 270 1.23 18.44 1.69
CA ASN A 270 1.30 18.41 0.22
C ASN A 270 2.58 17.66 -0.15
N LEU A 271 2.51 16.34 -0.07
CA LEU A 271 3.66 15.45 -0.21
C LEU A 271 3.22 14.26 -1.03
N LEU A 272 3.97 13.97 -2.10
CA LEU A 272 3.64 12.89 -3.04
C LEU A 272 4.80 11.91 -3.09
N ALA A 273 4.51 10.65 -2.82
CA ALA A 273 5.54 9.62 -2.73
C ALA A 273 6.44 9.59 -3.97
N TYR A 274 7.75 9.48 -3.72
CA TYR A 274 8.76 9.62 -4.76
C TYR A 274 9.97 8.76 -4.38
N ASN A 275 10.47 7.95 -5.33
CA ASN A 275 11.57 7.03 -5.04
C ASN A 275 12.94 7.67 -5.16
N ASN A 276 13.03 8.90 -5.67
N ASN A 276 13.03 8.90 -5.66
CA ASN A 276 14.31 9.59 -5.80
CA ASN A 276 14.32 9.61 -5.81
C ASN A 276 15.36 8.72 -6.46
C ASN A 276 15.37 8.79 -6.54
N TYR A 277 14.95 7.94 -7.45
CA TYR A 277 15.88 7.08 -8.16
C TYR A 277 16.53 7.88 -9.28
N GLN A 278 17.84 7.87 -9.30
CA GLN A 278 18.51 8.50 -10.42
C GLN A 278 19.33 7.50 -11.22
#